data_7QRT
#
_entry.id   7QRT
#
_cell.length_a   100.757
_cell.length_b   100.757
_cell.length_c   68.525
_cell.angle_alpha   90.000
_cell.angle_beta   90.000
_cell.angle_gamma   120.000
#
_symmetry.space_group_name_H-M   'P 61 2 2'
#
loop_
_entity.id
_entity.type
_entity.pdbx_description
1 polymer 'Protein scribble homolog'
2 polymer 'Protein Tax-1'
3 non-polymer 'SULFATE ION'
4 non-polymer 'CHLORIDE ION'
5 water water
#
loop_
_entity_poly.entity_id
_entity_poly.type
_entity_poly.pdbx_seq_one_letter_code
_entity_poly.pdbx_strand_id
1 'polypeptide(L)'
;SRHVACLARSERGLGFSIAGGKGSTPYRAGDAGIFVSRIAEGGAAHRAGTLQVGDRVLSINGVDVTEARHDHAVSLLTAA
SPTIALLLEREA
;
A,B
2 'polypeptide(L)' KHFRETEV C
#
# COMPACT_ATOMS: atom_id res chain seq x y z
N SER A 1 -1.20 12.42 17.16
CA SER A 1 -1.52 11.10 16.63
C SER A 1 -2.70 11.17 15.65
N ARG A 2 -3.28 12.36 15.49
CA ARG A 2 -4.35 12.59 14.53
C ARG A 2 -3.90 13.65 13.54
N HIS A 3 -4.19 13.40 12.25
CA HIS A 3 -3.74 14.23 11.13
C HIS A 3 -4.87 14.38 10.12
N VAL A 4 -5.02 15.55 9.54
CA VAL A 4 -5.94 15.70 8.43
C VAL A 4 -5.16 15.75 7.12
N ALA A 5 -5.68 15.10 6.11
CA ALA A 5 -5.12 15.14 4.78
C ALA A 5 -6.18 15.69 3.84
N CYS A 6 -5.79 16.61 2.98
CA CYS A 6 -6.71 17.24 2.03
C CYS A 6 -6.17 16.89 0.65
N LEU A 7 -7.04 16.39 -0.23
CA LEU A 7 -6.59 16.00 -1.56
C LEU A 7 -7.56 16.56 -2.58
N ALA A 8 -7.03 17.21 -3.59
CA ALA A 8 -7.86 17.76 -4.66
C ALA A 8 -7.84 16.81 -5.84
N ARG A 9 -9.02 16.46 -6.36
CA ARG A 9 -9.07 15.63 -7.56
C ARG A 9 -8.69 16.47 -8.75
N SER A 10 -7.79 15.94 -9.58
CA SER A 10 -7.25 16.68 -10.69
C SER A 10 -7.02 15.70 -11.83
N GLU A 11 -6.24 16.13 -12.81
CA GLU A 11 -5.73 15.24 -13.85
C GLU A 11 -4.91 14.09 -13.26
N ARG A 12 -4.27 14.33 -12.12
CA ARG A 12 -3.39 13.33 -11.54
C ARG A 12 -4.16 12.39 -10.63
N GLY A 13 -3.89 11.10 -10.80
CA GLY A 13 -4.53 10.11 -9.94
C GLY A 13 -4.24 10.40 -8.49
N LEU A 14 -5.18 10.03 -7.63
CA LEU A 14 -4.98 10.24 -6.20
C LEU A 14 -3.91 9.30 -5.64
N GLY A 15 -3.79 8.11 -6.22
CA GLY A 15 -2.65 7.28 -5.90
C GLY A 15 -2.68 6.66 -4.52
N PHE A 16 -3.86 6.29 -4.03
CA PHE A 16 -3.96 5.59 -2.76
C PHE A 16 -5.22 4.74 -2.79
N SER A 17 -5.29 3.84 -1.83
CA SER A 17 -6.44 2.97 -1.63
C SER A 17 -6.67 2.86 -0.12
N ILE A 18 -7.88 2.42 0.23
CA ILE A 18 -8.27 2.10 1.59
C ILE A 18 -8.67 0.63 1.63
N ALA A 19 -8.44 0.01 2.77
CA ALA A 19 -8.77 -1.39 2.97
C ALA A 19 -9.37 -1.55 4.36
N GLY A 20 -10.02 -2.68 4.56
CA GLY A 20 -10.58 -3.00 5.85
C GLY A 20 -12.04 -2.61 5.94
N GLY A 21 -12.55 -2.63 7.17
CA GLY A 21 -13.94 -2.26 7.38
C GLY A 21 -14.77 -3.37 8.00
N LYS A 22 -15.91 -2.99 8.57
CA LYS A 22 -16.76 -3.97 9.24
C LYS A 22 -17.30 -4.98 8.23
N GLY A 23 -17.14 -6.26 8.53
CA GLY A 23 -17.60 -7.28 7.61
C GLY A 23 -16.64 -7.59 6.50
N SER A 24 -15.50 -6.92 6.45
CA SER A 24 -14.54 -7.18 5.40
C SER A 24 -13.35 -7.93 5.99
N THR A 25 -12.56 -8.52 5.09
CA THR A 25 -11.25 -9.03 5.43
C THR A 25 -10.48 -7.95 6.17
N PRO A 26 -10.03 -8.20 7.39
CA PRO A 26 -9.32 -7.15 8.12
C PRO A 26 -8.07 -6.71 7.36
N TYR A 27 -7.78 -5.42 7.41
CA TYR A 27 -6.54 -4.99 6.79
C TYR A 27 -5.34 -5.41 7.61
N ARG A 28 -5.51 -5.44 8.92
CA ARG A 28 -4.53 -5.95 9.87
C ARG A 28 -5.25 -6.77 10.94
N ALA A 29 -4.51 -7.69 11.56
CA ALA A 29 -5.10 -8.67 12.46
C ALA A 29 -5.81 -8.00 13.63
N GLY A 30 -7.03 -8.47 13.93
CA GLY A 30 -7.80 -8.04 15.09
C GLY A 30 -8.36 -6.64 15.06
N ASP A 31 -8.28 -5.96 13.92
CA ASP A 31 -8.73 -4.57 13.80
C ASP A 31 -9.56 -4.47 12.53
N ALA A 32 -10.86 -4.17 12.67
CA ALA A 32 -11.71 -4.05 11.50
C ALA A 32 -11.79 -2.63 10.95
N GLY A 33 -10.89 -1.74 11.33
CA GLY A 33 -10.99 -0.37 10.86
C GLY A 33 -10.65 -0.24 9.37
N ILE A 34 -10.82 0.99 8.88
CA ILE A 34 -10.49 1.38 7.53
C ILE A 34 -9.10 2.02 7.56
N PHE A 35 -8.22 1.54 6.70
CA PHE A 35 -6.84 2.00 6.70
C PHE A 35 -6.37 2.36 5.31
N VAL A 36 -5.43 3.30 5.21
CA VAL A 36 -4.76 3.57 3.94
C VAL A 36 -3.82 2.39 3.66
N SER A 37 -4.01 1.75 2.51
CA SER A 37 -3.34 0.48 2.24
C SER A 37 -2.20 0.53 1.22
N ARG A 38 -2.14 1.55 0.39
CA ARG A 38 -1.11 1.67 -0.61
C ARG A 38 -0.97 3.16 -0.92
N ILE A 39 0.24 3.60 -1.25
CA ILE A 39 0.42 4.95 -1.78
C ILE A 39 1.38 4.92 -2.96
N ALA A 40 0.90 5.34 -4.12
CA ALA A 40 1.72 5.42 -5.32
C ALA A 40 2.57 6.67 -5.32
N GLU A 41 3.84 6.51 -5.63
CA GLU A 41 4.75 7.63 -5.42
C GLU A 41 4.57 8.74 -6.44
N GLY A 42 3.82 8.52 -7.49
CA GLY A 42 3.54 9.65 -8.37
C GLY A 42 2.14 10.21 -8.31
N GLY A 43 1.43 9.97 -7.22
CA GLY A 43 0.07 10.44 -7.09
C GLY A 43 -0.10 11.59 -6.14
N ALA A 44 -1.33 12.09 -6.12
CA ALA A 44 -1.64 13.25 -5.31
C ALA A 44 -1.38 12.96 -3.85
N ALA A 45 -1.75 11.75 -3.39
CA ALA A 45 -1.57 11.46 -1.97
C ALA A 45 -0.12 11.55 -1.56
N HIS A 46 0.77 10.99 -2.36
CA HIS A 46 2.16 11.08 -2.01
C HIS A 46 2.64 12.52 -2.13
N ARG A 47 2.20 13.24 -3.15
CA ARG A 47 2.68 14.61 -3.31
C ARG A 47 2.27 15.49 -2.14
N ALA A 48 1.12 15.22 -1.54
CA ALA A 48 0.62 16.01 -0.42
C ALA A 48 1.48 15.82 0.82
N GLY A 49 2.05 14.65 0.96
CA GLY A 49 2.90 14.30 2.08
C GLY A 49 2.16 14.06 3.38
N THR A 50 0.82 14.06 3.38
CA THR A 50 0.05 13.94 4.62
C THR A 50 -0.53 12.56 4.86
N LEU A 51 -0.39 11.64 3.93
CA LEU A 51 -0.91 10.31 4.12
C LEU A 51 0.23 9.31 4.24
N GLN A 52 0.05 8.36 5.12
CA GLN A 52 1.02 7.29 5.28
C GLN A 52 0.29 5.96 5.30
N VAL A 53 0.87 4.99 4.59
CA VAL A 53 0.30 3.66 4.59
C VAL A 53 0.16 3.19 6.03
N GLY A 54 -0.99 2.60 6.33
CA GLY A 54 -1.33 2.14 7.65
C GLY A 54 -2.08 3.15 8.49
N ASP A 55 -2.18 4.39 8.04
CA ASP A 55 -3.02 5.38 8.73
C ASP A 55 -4.45 4.85 8.80
N ARG A 56 -5.08 4.98 9.96
CA ARG A 56 -6.50 4.65 10.13
C ARG A 56 -7.36 5.82 9.66
N VAL A 57 -8.36 5.54 8.84
CA VAL A 57 -9.26 6.57 8.32
C VAL A 57 -10.39 6.75 9.32
N LEU A 58 -10.50 7.94 9.95
CA LEU A 58 -11.59 8.14 10.90
C LEU A 58 -12.83 8.75 10.26
N SER A 59 -12.66 9.68 9.32
CA SER A 59 -13.78 10.33 8.69
C SER A 59 -13.40 10.75 7.28
N ILE A 60 -14.43 10.87 6.44
CA ILE A 60 -14.31 11.26 5.05
C ILE A 60 -15.28 12.41 4.81
N ASN A 61 -14.74 13.58 4.49
CA ASN A 61 -15.52 14.80 4.32
C ASN A 61 -16.52 14.97 5.46
N GLY A 62 -16.02 14.78 6.69
CA GLY A 62 -16.79 15.03 7.90
C GLY A 62 -17.64 13.87 8.35
N VAL A 63 -17.74 12.81 7.55
CA VAL A 63 -18.61 11.69 7.82
C VAL A 63 -17.77 10.60 8.49
N ASP A 64 -18.18 10.22 9.71
CA ASP A 64 -17.48 9.21 10.50
C ASP A 64 -17.50 7.87 9.80
N VAL A 65 -16.33 7.25 9.69
CA VAL A 65 -16.30 5.92 9.10
C VAL A 65 -15.60 4.95 10.04
N THR A 66 -15.55 5.25 11.34
CA THR A 66 -14.79 4.38 12.24
C THR A 66 -15.39 2.97 12.37
N GLU A 67 -16.67 2.79 12.01
CA GLU A 67 -17.34 1.48 12.01
C GLU A 67 -17.99 1.17 10.67
N ALA A 68 -17.50 1.80 9.60
CA ALA A 68 -18.15 1.57 8.32
C ALA A 68 -17.70 0.23 7.77
N ARG A 69 -18.55 -0.33 6.93
CA ARG A 69 -18.19 -1.43 6.05
C ARG A 69 -17.31 -0.88 4.93
N HIS A 70 -16.55 -1.78 4.29
CA HIS A 70 -15.61 -1.38 3.24
C HIS A 70 -16.31 -0.67 2.07
N ASP A 71 -17.37 -1.29 1.53
CA ASP A 71 -18.01 -0.74 0.35
C ASP A 71 -18.70 0.59 0.64
N HIS A 72 -19.26 0.72 1.84
CA HIS A 72 -19.85 2.00 2.24
C HIS A 72 -18.79 3.10 2.27
N ALA A 73 -17.63 2.80 2.86
CA ALA A 73 -16.55 3.79 2.89
C ALA A 73 -16.04 4.08 1.48
N VAL A 74 -15.93 3.06 0.63
CA VAL A 74 -15.49 3.30 -0.74
C VAL A 74 -16.50 4.17 -1.45
N SER A 75 -17.79 3.93 -1.24
CA SER A 75 -18.84 4.76 -1.83
C SER A 75 -18.74 6.19 -1.35
N LEU A 76 -18.49 6.38 -0.04
CA LEU A 76 -18.27 7.73 0.50
C LEU A 76 -17.08 8.40 -0.14
N LEU A 77 -16.00 7.66 -0.35
CA LEU A 77 -14.80 8.27 -0.89
C LEU A 77 -14.99 8.67 -2.35
N THR A 78 -15.71 7.87 -3.12
CA THR A 78 -15.88 8.29 -4.51
C THR A 78 -16.86 9.44 -4.65
N ALA A 79 -17.71 9.68 -3.65
CA ALA A 79 -18.66 10.77 -3.66
C ALA A 79 -18.08 12.00 -2.99
N ALA A 80 -16.82 11.91 -2.55
CA ALA A 80 -16.08 13.02 -1.94
C ALA A 80 -15.35 13.61 -3.13
N SER A 81 -15.90 14.71 -3.66
CA SER A 81 -15.41 15.33 -4.90
C SER A 81 -16.00 16.72 -5.06
N PRO A 82 -15.22 17.68 -5.60
CA PRO A 82 -13.84 17.55 -6.09
C PRO A 82 -12.75 17.42 -5.00
N THR A 83 -13.09 17.65 -3.75
CA THR A 83 -12.09 17.61 -2.69
C THR A 83 -12.35 16.50 -1.69
N ILE A 84 -11.27 15.84 -1.26
CA ILE A 84 -11.36 14.78 -0.27
C ILE A 84 -10.67 15.28 0.99
N ALA A 85 -11.40 15.30 2.10
CA ALA A 85 -10.84 15.63 3.41
C ALA A 85 -10.89 14.39 4.29
N LEU A 86 -9.72 13.89 4.71
CA LEU A 86 -9.63 12.69 5.55
C LEU A 86 -9.08 13.08 6.92
N LEU A 87 -9.72 12.57 7.96
CA LEU A 87 -9.19 12.56 9.32
C LEU A 87 -8.54 11.22 9.57
N LEU A 88 -7.25 11.25 9.89
CA LEU A 88 -6.39 10.09 10.00
C LEU A 88 -5.86 9.96 11.42
N GLU A 89 -5.68 8.71 11.86
CA GLU A 89 -5.06 8.41 13.14
C GLU A 89 -3.83 7.55 12.88
N ARG A 90 -2.71 7.94 13.47
CA ARG A 90 -1.42 7.29 13.24
C ARG A 90 -0.78 6.89 14.56
N GLU A 91 -0.18 5.69 14.59
CA GLU A 91 0.50 5.21 15.78
C GLU A 91 1.93 5.77 15.87
N ALA A 92 2.53 5.62 17.05
CA ALA A 92 3.91 6.06 17.29
C ALA A 92 4.90 5.47 16.29
N SER B 1 20.54 -16.53 -4.90
CA SER B 1 20.06 -17.00 -3.61
C SER B 1 18.58 -16.68 -3.54
N ARG B 2 17.78 -17.56 -2.96
CA ARG B 2 16.35 -17.34 -2.80
C ARG B 2 15.98 -17.44 -1.34
N HIS B 3 15.11 -16.55 -0.89
CA HIS B 3 14.73 -16.45 0.50
C HIS B 3 13.24 -16.20 0.59
N VAL B 4 12.60 -16.81 1.57
CA VAL B 4 11.20 -16.53 1.86
C VAL B 4 11.17 -15.56 3.04
N ALA B 5 10.37 -14.51 2.90
CA ALA B 5 10.14 -13.52 3.95
C ALA B 5 8.64 -13.45 4.22
N CYS B 6 8.26 -13.41 5.50
CA CYS B 6 6.86 -13.44 5.92
C CYS B 6 6.57 -12.18 6.73
N LEU B 7 5.50 -11.48 6.40
CA LEU B 7 5.24 -10.19 7.02
C LEU B 7 3.76 -10.03 7.33
N ALA B 8 3.45 -9.52 8.51
CA ALA B 8 2.08 -9.18 8.88
C ALA B 8 1.88 -7.67 8.76
N ARG B 9 0.78 -7.25 8.15
CA ARG B 9 0.50 -5.83 8.01
C ARG B 9 0.26 -5.22 9.38
N SER B 10 0.89 -4.08 9.64
CA SER B 10 0.84 -3.43 10.95
C SER B 10 0.73 -1.92 10.73
N GLU B 11 1.17 -1.15 11.73
CA GLU B 11 0.97 0.30 11.73
C GLU B 11 1.48 1.04 10.50
N ARG B 12 2.54 0.52 9.86
CA ARG B 12 3.01 1.07 8.59
C ARG B 12 2.66 0.18 7.41
N GLY B 13 1.62 -0.66 7.55
CA GLY B 13 1.36 -1.62 6.51
C GLY B 13 2.44 -2.69 6.57
N LEU B 14 2.88 -3.13 5.40
CA LEU B 14 4.03 -4.02 5.30
C LEU B 14 5.33 -3.25 5.55
N GLY B 15 5.32 -1.97 5.25
CA GLY B 15 6.45 -1.12 5.55
C GLY B 15 7.59 -1.21 4.57
N PHE B 16 7.28 -1.38 3.29
CA PHE B 16 8.28 -1.32 2.22
C PHE B 16 7.57 -0.85 0.96
N SER B 17 8.37 -0.62 -0.07
CA SER B 17 7.90 -0.17 -1.36
C SER B 17 8.37 -1.13 -2.42
N ILE B 18 7.61 -1.22 -3.49
CA ILE B 18 8.03 -1.99 -4.64
C ILE B 18 8.11 -1.08 -5.85
N ALA B 19 9.00 -1.44 -6.77
CA ALA B 19 9.11 -0.71 -8.03
C ALA B 19 9.17 -1.72 -9.16
N GLY B 20 8.91 -1.23 -10.36
CA GLY B 20 8.96 -2.05 -11.56
C GLY B 20 7.60 -2.60 -11.96
N GLY B 21 7.68 -3.56 -12.88
CA GLY B 21 6.50 -4.26 -13.41
C GLY B 21 6.41 -4.21 -14.92
N LYS B 22 5.75 -5.22 -15.47
CA LYS B 22 5.67 -5.37 -16.91
C LYS B 22 4.93 -4.16 -17.48
N GLY B 23 5.52 -3.57 -18.51
CA GLY B 23 4.97 -2.39 -19.13
C GLY B 23 5.37 -1.08 -18.48
N SER B 24 6.13 -1.12 -17.40
CA SER B 24 6.56 0.09 -16.70
C SER B 24 8.02 0.36 -17.03
N THR B 25 8.45 1.59 -16.80
CA THR B 25 9.87 1.85 -16.94
C THR B 25 10.60 0.91 -15.99
N PRO B 26 11.53 0.08 -16.49
CA PRO B 26 12.12 -0.92 -15.60
C PRO B 26 12.90 -0.36 -14.41
N TYR B 27 12.90 -1.13 -13.32
CA TYR B 27 13.74 -0.81 -12.16
C TYR B 27 15.21 -1.12 -12.41
N ARG B 28 15.51 -2.12 -13.24
CA ARG B 28 16.87 -2.45 -13.68
C ARG B 28 16.85 -2.68 -15.18
N ALA B 29 17.99 -2.46 -15.83
CA ALA B 29 18.02 -2.40 -17.29
C ALA B 29 17.48 -3.67 -17.94
N GLY B 30 16.51 -3.52 -18.83
CA GLY B 30 16.02 -4.66 -19.57
C GLY B 30 15.29 -5.68 -18.74
N ASP B 31 14.96 -5.36 -17.50
CA ASP B 31 14.38 -6.30 -16.55
C ASP B 31 13.19 -5.61 -15.88
N ALA B 32 12.00 -5.96 -16.32
CA ALA B 32 10.76 -5.31 -15.90
C ALA B 32 10.13 -5.97 -14.70
N GLY B 33 10.92 -6.67 -13.89
CA GLY B 33 10.41 -7.37 -12.74
C GLY B 33 10.03 -6.42 -11.62
N ILE B 34 9.49 -7.03 -10.55
CA ILE B 34 9.11 -6.35 -9.33
C ILE B 34 10.25 -6.45 -8.32
N PHE B 35 10.68 -5.31 -7.77
CA PHE B 35 11.81 -5.25 -6.87
C PHE B 35 11.43 -4.48 -5.61
N VAL B 36 12.04 -4.86 -4.48
CA VAL B 36 11.94 -4.06 -3.27
C VAL B 36 12.79 -2.82 -3.46
N SER B 37 12.16 -1.65 -3.43
CA SER B 37 12.84 -0.40 -3.79
C SER B 37 13.21 0.46 -2.58
N ARG B 38 12.50 0.28 -1.47
CA ARG B 38 12.71 0.99 -0.22
C ARG B 38 12.15 0.14 0.93
N ILE B 39 12.74 0.31 2.11
CA ILE B 39 12.23 -0.24 3.35
C ILE B 39 12.13 0.90 4.35
N ALA B 40 10.93 1.07 4.91
CA ALA B 40 10.68 2.13 5.86
C ALA B 40 11.45 1.88 7.14
N GLU B 41 11.87 2.95 7.79
CA GLU B 41 12.70 2.78 8.98
C GLU B 41 11.87 2.29 10.17
N GLY B 42 10.55 2.47 10.14
CA GLY B 42 9.65 1.82 11.07
C GLY B 42 8.72 0.85 10.37
N GLY B 43 8.15 -0.12 11.07
CA GLY B 43 7.19 -1.00 10.43
C GLY B 43 7.65 -2.44 10.37
N ALA B 44 6.77 -3.28 9.83
CA ALA B 44 6.98 -4.71 9.91
C ALA B 44 8.22 -5.16 9.16
N ALA B 45 8.40 -4.70 7.92
CA ALA B 45 9.55 -5.16 7.15
C ALA B 45 10.83 -4.81 7.88
N HIS B 46 10.88 -3.62 8.48
CA HIS B 46 12.05 -3.17 9.21
C HIS B 46 12.32 -4.03 10.43
N ARG B 47 11.27 -4.38 11.18
CA ARG B 47 11.48 -5.24 12.33
C ARG B 47 11.89 -6.65 11.93
N ALA B 48 11.37 -7.16 10.80
CA ALA B 48 11.70 -8.53 10.40
C ALA B 48 13.14 -8.66 9.89
N GLY B 49 13.64 -7.66 9.17
CA GLY B 49 15.00 -7.72 8.69
C GLY B 49 15.26 -8.68 7.55
N THR B 50 14.23 -9.28 6.99
CA THR B 50 14.41 -10.32 5.99
C THR B 50 14.34 -9.78 4.57
N LEU B 51 14.04 -8.51 4.39
CA LEU B 51 13.97 -7.91 3.08
C LEU B 51 15.20 -7.02 2.89
N GLN B 52 15.67 -6.92 1.66
CA GLN B 52 16.73 -6.00 1.31
C GLN B 52 16.36 -5.20 0.07
N VAL B 53 16.63 -3.90 0.11
CA VAL B 53 16.43 -3.07 -1.07
C VAL B 53 17.16 -3.71 -2.24
N GLY B 54 16.50 -3.79 -3.38
CA GLY B 54 17.07 -4.44 -4.53
C GLY B 54 16.69 -5.90 -4.68
N ASP B 55 16.11 -6.50 -3.66
CA ASP B 55 15.59 -7.86 -3.78
C ASP B 55 14.58 -7.93 -4.91
N ARG B 56 14.71 -8.97 -5.74
CA ARG B 56 13.71 -9.26 -6.75
C ARG B 56 12.58 -10.03 -6.08
N VAL B 57 11.34 -9.59 -6.31
CA VAL B 57 10.17 -10.30 -5.78
C VAL B 57 9.75 -11.35 -6.79
N LEU B 58 9.93 -12.63 -6.44
CA LEU B 58 9.56 -13.70 -7.35
C LEU B 58 8.10 -14.11 -7.20
N SER B 59 7.59 -14.15 -5.98
CA SER B 59 6.21 -14.54 -5.79
C SER B 59 5.68 -13.89 -4.54
N ILE B 60 4.38 -13.67 -4.55
CA ILE B 60 3.68 -13.08 -3.41
C ILE B 60 2.55 -14.03 -3.05
N ASN B 61 2.62 -14.58 -1.84
CA ASN B 61 1.66 -15.59 -1.37
C ASN B 61 1.42 -16.65 -2.43
N GLY B 62 2.52 -17.15 -2.99
CA GLY B 62 2.46 -18.24 -3.91
C GLY B 62 2.21 -17.86 -5.36
N VAL B 63 1.92 -16.60 -5.65
CA VAL B 63 1.59 -16.13 -7.00
C VAL B 63 2.84 -15.54 -7.63
N ASP B 64 3.27 -16.13 -8.74
CA ASP B 64 4.46 -15.66 -9.44
C ASP B 64 4.26 -14.26 -10.00
N VAL B 65 5.18 -13.36 -9.70
CA VAL B 65 5.08 -12.01 -10.21
C VAL B 65 6.31 -11.64 -11.04
N THR B 66 7.03 -12.65 -11.58
CA THR B 66 8.20 -12.34 -12.38
C THR B 66 7.84 -11.60 -13.65
N GLU B 67 6.60 -11.74 -14.12
CA GLU B 67 6.17 -11.05 -15.33
C GLU B 67 4.94 -10.21 -15.10
N ALA B 68 4.64 -9.91 -13.83
CA ALA B 68 3.41 -9.23 -13.49
C ALA B 68 3.51 -7.72 -13.74
N ARG B 69 2.35 -7.14 -13.99
CA ARG B 69 2.20 -5.70 -13.98
C ARG B 69 2.30 -5.19 -12.55
N HIS B 70 2.65 -3.90 -12.41
CA HIS B 70 2.85 -3.32 -11.08
C HIS B 70 1.59 -3.38 -10.23
N ASP B 71 0.46 -2.98 -10.80
CA ASP B 71 -0.78 -2.94 -10.05
C ASP B 71 -1.20 -4.34 -9.59
N HIS B 72 -0.87 -5.38 -10.37
CA HIS B 72 -1.16 -6.75 -9.93
C HIS B 72 -0.37 -7.09 -8.67
N ALA B 73 0.92 -6.80 -8.67
CA ALA B 73 1.71 -7.02 -7.47
C ALA B 73 1.19 -6.16 -6.32
N VAL B 74 0.79 -4.91 -6.60
CA VAL B 74 0.27 -4.09 -5.50
C VAL B 74 -1.01 -4.71 -4.94
N SER B 75 -1.87 -5.25 -5.82
CA SER B 75 -3.07 -5.90 -5.33
C SER B 75 -2.74 -7.13 -4.50
N LEU B 76 -1.82 -7.97 -4.98
CA LEU B 76 -1.46 -9.14 -4.18
C LEU B 76 -1.03 -8.71 -2.79
N LEU B 77 -0.33 -7.59 -2.68
CA LEU B 77 0.25 -7.17 -1.40
C LEU B 77 -0.73 -6.48 -0.47
N THR B 78 -1.77 -5.86 -1.00
CA THR B 78 -2.66 -5.05 -0.19
C THR B 78 -4.11 -5.47 -0.18
N ALA B 79 -4.56 -6.29 -1.12
CA ALA B 79 -5.97 -6.66 -1.20
C ALA B 79 -6.29 -8.08 -0.75
N ALA B 80 -5.32 -8.85 -0.25
CA ALA B 80 -5.56 -10.22 0.19
C ALA B 80 -5.40 -10.32 1.72
N SER B 81 -4.83 -11.43 2.17
CA SER B 81 -4.67 -11.67 3.59
C SER B 81 -3.66 -10.69 4.21
N PRO B 82 -3.85 -10.35 5.49
CA PRO B 82 -2.89 -9.44 6.14
C PRO B 82 -1.49 -10.04 6.29
N THR B 83 -1.33 -11.36 6.17
CA THR B 83 -0.01 -11.97 6.27
C THR B 83 0.48 -12.23 4.86
N ILE B 84 1.71 -11.80 4.60
CA ILE B 84 2.29 -11.82 3.26
C ILE B 84 3.53 -12.70 3.27
N ALA B 85 3.55 -13.68 2.36
CA ALA B 85 4.69 -14.56 2.16
C ALA B 85 5.37 -14.12 0.89
N LEU B 86 6.64 -13.78 0.98
CA LEU B 86 7.38 -13.31 -0.17
C LEU B 86 8.51 -14.28 -0.51
N LEU B 87 8.61 -14.65 -1.77
CA LEU B 87 9.82 -15.30 -2.29
C LEU B 87 10.69 -14.23 -2.94
N LEU B 88 11.89 -14.06 -2.41
CA LEU B 88 12.80 -13.01 -2.82
C LEU B 88 14.06 -13.65 -3.38
N GLU B 89 14.62 -13.01 -4.42
CA GLU B 89 15.86 -13.42 -5.06
C GLU B 89 16.86 -12.27 -4.99
N ARG B 90 18.10 -12.61 -4.66
CA ARG B 90 19.21 -11.67 -4.53
C ARG B 90 20.36 -12.15 -5.39
N GLU B 91 21.07 -11.20 -5.97
CA GLU B 91 22.23 -11.49 -6.82
C GLU B 91 23.47 -11.74 -5.97
N LYS C 1 6.08 4.95 -21.42
CA LYS C 1 6.20 4.17 -20.20
C LYS C 1 6.55 5.05 -18.99
N HIS C 2 6.05 4.67 -17.82
CA HIS C 2 6.25 5.42 -16.59
C HIS C 2 6.87 4.53 -15.51
N PHE C 3 7.70 5.15 -14.67
CA PHE C 3 8.29 4.49 -13.51
C PHE C 3 7.23 4.37 -12.41
N ARG C 4 7.02 3.17 -11.91
CA ARG C 4 5.99 2.91 -10.91
C ARG C 4 6.64 2.41 -9.63
N GLU C 5 6.34 3.10 -8.53
CA GLU C 5 6.81 2.76 -7.21
C GLU C 5 5.65 2.97 -6.25
N THR C 6 5.45 2.03 -5.34
CA THR C 6 4.29 2.09 -4.45
C THR C 6 4.69 1.65 -3.04
N GLU C 7 4.30 2.45 -2.06
CA GLU C 7 4.48 2.08 -0.65
C GLU C 7 3.34 1.16 -0.25
N VAL C 8 3.68 0.05 0.40
CA VAL C 8 2.71 -0.91 0.91
C VAL C 8 2.99 -1.25 2.38
#